data_2AQR
#
_entry.id   2AQR
#
_cell.length_a   98.840
_cell.length_b   65.052
_cell.length_c   77.443
_cell.angle_alpha   90.00
_cell.angle_beta   121.02
_cell.angle_gamma   90.00
#
_symmetry.space_group_name_H-M   'C 1 2 1'
#
loop_
_entity.id
_entity.type
_entity.pdbx_description
1 polymer 'Superoxide dismutase [Cu-Zn]'
2 non-polymer 'COPPER (I) ION'
3 non-polymer 'COPPER (II) ION'
4 non-polymer 'ZINC ION'
5 water water
#
_entity_poly.entity_id   1
_entity_poly.type   'polypeptide(L)'
_entity_poly.pdbx_seq_one_letter_code
;HEHNTIPKGASIEVKVQQLDPVNGNKDVGTVTITESNYGLVFTPDLQGLSEGLHGFHIHENPSCEPKEQEGKLTAGLGAG
GHWDPKGAKQHGYPWQDDAHLGDLPALTVLHDGTATNPVLAPRLKHLDDVRGHSIMIHTGGDNHSDHPAPLGGGGPRMAC
GVIK
;
_entity_poly.pdbx_strand_id   A,B,C
#
loop_
_chem_comp.id
_chem_comp.type
_chem_comp.name
_chem_comp.formula
CU non-polymer 'COPPER (II) ION' 'Cu 2'
CU1 non-polymer 'COPPER (I) ION' 'Cu 1'
ZN non-polymer 'ZINC ION' 'Zn 2'
#
# COMPACT_ATOMS: atom_id res chain seq x y z
N ALA A 10 -23.92 4.37 -7.87
CA ALA A 10 -23.63 4.20 -6.41
C ALA A 10 -22.15 4.52 -6.15
N SER A 11 -21.87 5.78 -5.80
CA SER A 11 -20.51 6.19 -5.52
C SER A 11 -20.44 7.63 -5.04
N ILE A 12 -19.60 7.86 -4.04
CA ILE A 12 -19.39 9.20 -3.49
C ILE A 12 -17.89 9.42 -3.39
N GLU A 13 -17.39 10.45 -4.06
CA GLU A 13 -15.97 10.76 -3.99
C GLU A 13 -15.79 11.87 -2.99
N VAL A 14 -15.11 11.56 -1.88
CA VAL A 14 -14.89 12.54 -0.83
C VAL A 14 -13.51 13.17 -0.92
N LYS A 15 -13.47 14.49 -1.00
CA LYS A 15 -12.20 15.21 -1.06
C LYS A 15 -11.67 15.30 0.36
N VAL A 16 -10.44 14.82 0.56
CA VAL A 16 -9.84 14.83 1.90
C VAL A 16 -8.67 15.80 2.01
N GLN A 17 -8.63 16.54 3.10
CA GLN A 17 -7.57 17.51 3.33
C GLN A 17 -6.82 17.26 4.64
N GLN A 18 -5.52 17.51 4.61
CA GLN A 18 -4.70 17.40 5.81
C GLN A 18 -5.07 18.65 6.60
N LEU A 19 -5.31 18.51 7.90
CA LEU A 19 -5.71 19.64 8.73
C LEU A 19 -4.59 20.43 9.40
N ASP A 20 -4.65 21.75 9.27
CA ASP A 20 -3.68 22.65 9.88
C ASP A 20 -4.35 24.00 10.09
N PRO A 21 -4.96 24.20 11.27
CA PRO A 21 -5.65 25.45 11.62
C PRO A 21 -4.80 26.71 11.53
N VAL A 22 -3.49 26.53 11.53
CA VAL A 22 -2.56 27.67 11.48
C VAL A 22 -2.01 27.95 10.08
N ASN A 23 -1.21 27.02 9.57
CA ASN A 23 -0.60 27.19 8.25
C ASN A 23 -1.60 27.01 7.11
N GLY A 24 -2.71 26.33 7.38
CA GLY A 24 -3.72 26.10 6.36
C GLY A 24 -3.78 24.64 5.94
N ASN A 25 -4.97 24.18 5.54
CA ASN A 25 -5.16 22.80 5.13
C ASN A 25 -4.56 22.55 3.74
N LYS A 26 -4.37 21.28 3.42
CA LYS A 26 -3.81 20.90 2.12
C LYS A 26 -4.46 19.62 1.59
N ASP A 27 -4.74 19.60 0.29
CA ASP A 27 -5.35 18.43 -0.32
C ASP A 27 -4.42 17.22 -0.26
N VAL A 28 -4.94 16.09 0.20
CA VAL A 28 -4.14 14.88 0.28
C VAL A 28 -4.74 13.77 -0.58
N GLY A 29 -5.85 14.07 -1.24
CA GLY A 29 -6.45 13.07 -2.09
C GLY A 29 -7.94 12.89 -1.89
N THR A 30 -8.42 11.68 -2.15
CA THR A 30 -9.82 11.38 -2.01
C THR A 30 -10.08 10.00 -1.41
N VAL A 31 -11.31 9.80 -0.98
CA VAL A 31 -11.75 8.52 -0.47
C VAL A 31 -13.06 8.30 -1.20
N THR A 32 -13.13 7.22 -1.97
CA THR A 32 -14.34 6.93 -2.73
C THR A 32 -15.14 5.87 -1.99
N ILE A 33 -16.41 6.16 -1.76
CA ILE A 33 -17.30 5.25 -1.06
C ILE A 33 -18.25 4.60 -2.05
N THR A 34 -18.30 3.28 -2.05
CA THR A 34 -19.18 2.54 -2.95
C THR A 34 -19.90 1.46 -2.15
N GLU A 35 -21.00 0.94 -2.70
CA GLU A 35 -21.77 -0.10 -2.04
C GLU A 35 -21.40 -1.47 -2.59
N SER A 36 -21.23 -2.44 -1.69
CA SER A 36 -20.93 -3.81 -2.10
C SER A 36 -22.04 -4.65 -1.49
N ASN A 37 -22.11 -5.93 -1.84
CA ASN A 37 -23.16 -6.80 -1.29
C ASN A 37 -22.96 -7.06 0.19
N TYR A 38 -21.82 -6.63 0.73
CA TYR A 38 -21.50 -6.84 2.13
C TYR A 38 -21.32 -5.58 2.96
N GLY A 39 -21.63 -4.43 2.36
CA GLY A 39 -21.49 -3.17 3.08
C GLY A 39 -20.71 -2.13 2.29
N LEU A 40 -20.55 -0.95 2.89
CA LEU A 40 -19.84 0.12 2.21
C LEU A 40 -18.34 -0.10 2.14
N VAL A 41 -17.80 0.16 0.96
CA VAL A 41 -16.37 0.02 0.71
C VAL A 41 -15.76 1.41 0.59
N PHE A 42 -14.69 1.64 1.35
CA PHE A 42 -14.00 2.92 1.33
C PHE A 42 -12.67 2.72 0.63
N THR A 43 -12.53 3.32 -0.55
CA THR A 43 -11.32 3.19 -1.34
C THR A 43 -10.53 4.48 -1.33
N PRO A 44 -9.37 4.49 -0.65
CA PRO A 44 -8.56 5.70 -0.60
C PRO A 44 -7.61 5.86 -1.77
N ASP A 45 -7.21 7.10 -1.99
CA ASP A 45 -6.24 7.48 -3.01
C ASP A 45 -5.66 8.72 -2.35
N LEU A 46 -4.86 8.48 -1.31
CA LEU A 46 -4.27 9.54 -0.52
C LEU A 46 -2.75 9.54 -0.57
N GLN A 47 -2.18 10.71 -0.27
CA GLN A 47 -0.73 10.87 -0.26
C GLN A 47 -0.30 11.88 0.79
N GLY A 48 1.00 11.90 1.07
CA GLY A 48 1.55 12.84 2.03
C GLY A 48 1.20 12.59 3.48
N LEU A 49 0.76 11.37 3.79
CA LEU A 49 0.41 11.02 5.17
C LEU A 49 1.56 10.27 5.82
N SER A 50 1.56 10.22 7.16
CA SER A 50 2.61 9.53 7.88
C SER A 50 2.43 8.01 7.81
N GLU A 51 3.55 7.31 7.66
CA GLU A 51 3.54 5.85 7.55
C GLU A 51 2.92 5.15 8.76
N GLY A 52 2.13 4.12 8.50
CA GLY A 52 1.52 3.36 9.58
C GLY A 52 0.01 3.21 9.47
N LEU A 53 -0.59 2.63 10.52
CA LEU A 53 -2.04 2.43 10.55
C LEU A 53 -2.66 3.64 11.22
N HIS A 54 -3.75 4.14 10.66
CA HIS A 54 -4.40 5.33 11.20
C HIS A 54 -5.88 5.11 11.48
N GLY A 55 -6.33 5.64 12.62
CA GLY A 55 -7.73 5.54 12.99
C GLY A 55 -8.53 6.12 11.84
N PHE A 56 -9.62 5.46 11.50
CA PHE A 56 -10.44 5.87 10.36
C PHE A 56 -11.90 5.74 10.77
N HIS A 57 -12.60 6.86 10.91
CA HIS A 57 -14.00 6.81 11.33
C HIS A 57 -14.90 7.87 10.72
N ILE A 58 -16.19 7.59 10.75
CA ILE A 58 -17.19 8.54 10.29
C ILE A 58 -17.55 9.34 11.54
N HIS A 59 -17.45 10.66 11.47
CA HIS A 59 -17.82 11.50 12.60
C HIS A 59 -19.19 12.11 12.35
N GLU A 60 -19.85 12.51 13.43
CA GLU A 60 -21.20 13.04 13.38
C GLU A 60 -21.51 14.27 12.53
N ASN A 61 -20.69 15.30 12.60
CA ASN A 61 -20.98 16.52 11.85
C ASN A 61 -20.33 16.64 10.47
N PRO A 62 -21.05 17.24 9.50
CA PRO A 62 -20.54 17.43 8.15
C PRO A 62 -19.66 18.66 8.12
N SER A 63 -18.57 18.61 8.89
CA SER A 63 -17.63 19.72 9.00
C SER A 63 -16.25 19.21 9.39
N CYS A 64 -15.22 19.86 8.86
CA CYS A 64 -13.85 19.49 9.18
C CYS A 64 -13.16 20.72 9.76
N GLU A 65 -13.95 21.71 10.15
CA GLU A 65 -13.41 22.94 10.70
C GLU A 65 -12.87 22.72 12.11
N PRO A 66 -11.90 23.55 12.52
CA PRO A 66 -11.31 23.43 13.86
C PRO A 66 -12.24 24.08 14.88
N LYS A 67 -12.02 23.79 16.15
CA LYS A 67 -12.84 24.36 17.20
C LYS A 67 -11.96 24.66 18.39
N GLU A 68 -12.30 25.72 19.11
CA GLU A 68 -11.55 26.13 20.30
C GLU A 68 -11.72 25.09 21.40
N GLN A 69 -10.60 24.69 22.00
CA GLN A 69 -10.63 23.72 23.09
C GLN A 69 -9.61 24.14 24.14
N GLU A 70 -10.11 24.60 25.28
CA GLU A 70 -9.27 25.05 26.38
C GLU A 70 -8.21 26.04 25.89
N GLY A 71 -8.65 27.04 25.14
CA GLY A 71 -7.76 28.05 24.62
C GLY A 71 -6.78 27.53 23.58
N LYS A 72 -7.26 26.66 22.70
CA LYS A 72 -6.43 26.08 21.66
C LYS A 72 -7.27 25.69 20.45
N LEU A 73 -7.03 26.37 19.32
CA LEU A 73 -7.76 26.07 18.10
C LEU A 73 -7.29 24.67 17.67
N THR A 74 -8.16 23.68 17.87
CA THR A 74 -7.84 22.29 17.58
C THR A 74 -8.42 21.78 16.27
N ALA A 75 -7.55 21.14 15.48
CA ALA A 75 -7.95 20.61 14.18
C ALA A 75 -9.09 19.61 14.21
N GLY A 76 -9.99 19.77 13.24
CA GLY A 76 -11.12 18.88 13.09
C GLY A 76 -12.18 18.71 14.16
N LEU A 77 -12.10 19.48 15.25
CA LEU A 77 -13.10 19.32 16.31
C LEU A 77 -14.52 19.65 15.85
N GLY A 78 -14.65 20.43 14.79
CA GLY A 78 -15.97 20.77 14.29
C GLY A 78 -16.75 19.56 13.84
N ALA A 79 -16.03 18.48 13.52
CA ALA A 79 -16.65 17.25 13.06
C ALA A 79 -17.43 16.52 14.16
N GLY A 80 -17.18 16.88 15.41
CA GLY A 80 -17.85 16.23 16.51
C GLY A 80 -17.23 14.88 16.81
N GLY A 81 -17.94 14.03 17.54
CA GLY A 81 -17.40 12.72 17.89
C GLY A 81 -17.73 11.66 16.86
N HIS A 82 -17.43 10.40 17.19
CA HIS A 82 -17.71 9.31 16.28
C HIS A 82 -19.21 9.20 16.05
N TRP A 83 -19.62 9.01 14.81
CA TRP A 83 -21.03 8.88 14.49
C TRP A 83 -21.59 7.67 15.24
N ASP A 84 -22.57 7.92 16.08
CA ASP A 84 -23.16 6.88 16.90
C ASP A 84 -24.68 7.01 16.97
N PRO A 85 -25.37 6.84 15.82
CA PRO A 85 -26.82 6.94 15.72
C PRO A 85 -27.63 5.92 16.54
N LYS A 86 -27.02 4.79 16.86
CA LYS A 86 -27.72 3.76 17.63
C LYS A 86 -27.38 3.82 19.12
N GLY A 87 -26.64 4.84 19.52
CA GLY A 87 -26.29 5.02 20.91
C GLY A 87 -25.49 3.89 21.54
N ALA A 88 -24.45 3.44 20.86
CA ALA A 88 -23.61 2.37 21.37
C ALA A 88 -22.78 2.92 22.52
N LYS A 89 -22.41 4.18 22.41
CA LYS A 89 -21.61 4.88 23.42
C LYS A 89 -20.36 4.09 23.78
N GLN A 90 -19.74 3.50 22.77
CA GLN A 90 -18.54 2.69 22.97
C GLN A 90 -17.82 2.53 21.63
N HIS A 91 -16.50 2.67 21.65
CA HIS A 91 -15.71 2.51 20.44
C HIS A 91 -15.37 1.03 20.27
N GLY A 92 -15.46 0.50 19.06
CA GLY A 92 -15.15 -0.90 18.87
C GLY A 92 -14.72 -1.27 17.46
N TYR A 93 -14.94 -2.54 17.12
CA TYR A 93 -14.56 -3.06 15.81
C TYR A 93 -15.60 -2.75 14.74
N PRO A 94 -15.17 -2.75 13.47
CA PRO A 94 -16.08 -2.46 12.35
C PRO A 94 -17.17 -3.54 12.27
N TRP A 95 -16.86 -4.72 12.80
CA TRP A 95 -17.78 -5.85 12.78
C TRP A 95 -18.45 -6.10 14.13
N GLN A 96 -18.43 -5.09 14.99
CA GLN A 96 -19.01 -5.17 16.33
C GLN A 96 -20.31 -4.37 16.37
N ASP A 97 -21.42 -5.05 16.61
CA ASP A 97 -22.71 -4.39 16.64
C ASP A 97 -22.94 -3.35 17.73
N ASP A 98 -22.32 -3.52 18.89
CA ASP A 98 -22.52 -2.53 19.94
C ASP A 98 -21.39 -1.50 20.04
N ALA A 99 -20.86 -1.13 18.88
CA ALA A 99 -19.82 -0.12 18.80
C ALA A 99 -20.35 1.01 17.91
N HIS A 100 -19.72 2.18 17.96
CA HIS A 100 -20.14 3.31 17.13
C HIS A 100 -20.35 2.85 15.70
N LEU A 101 -21.44 3.26 15.07
CA LEU A 101 -21.70 2.84 13.69
C LEU A 101 -20.64 3.43 12.76
N GLY A 102 -19.97 4.49 13.20
CA GLY A 102 -18.96 5.12 12.38
C GLY A 102 -17.57 4.49 12.44
N ASP A 103 -17.42 3.41 13.20
CA ASP A 103 -16.11 2.76 13.35
C ASP A 103 -15.73 1.94 12.11
N LEU A 104 -14.75 2.43 11.37
CA LEU A 104 -14.30 1.76 10.15
C LEU A 104 -12.95 1.07 10.38
N PRO A 105 -12.54 0.19 9.46
CA PRO A 105 -11.26 -0.50 9.61
C PRO A 105 -10.15 0.57 9.56
N ALA A 106 -9.02 0.30 10.20
CA ALA A 106 -7.91 1.24 10.19
C ALA A 106 -7.39 1.41 8.76
N LEU A 107 -6.90 2.60 8.46
CA LEU A 107 -6.35 2.93 7.14
C LEU A 107 -4.86 2.65 7.13
N THR A 108 -4.38 1.98 6.08
CA THR A 108 -2.96 1.69 5.97
C THR A 108 -2.25 2.70 5.08
N VAL A 109 -1.23 3.36 5.62
CA VAL A 109 -0.45 4.32 4.86
C VAL A 109 0.93 3.68 4.74
N LEU A 110 1.39 3.49 3.50
CA LEU A 110 2.68 2.86 3.25
C LEU A 110 3.86 3.77 3.52
N HIS A 111 5.05 3.20 3.45
CA HIS A 111 6.29 3.94 3.69
C HIS A 111 6.35 5.22 2.86
N ASP A 112 5.88 5.14 1.62
CA ASP A 112 5.91 6.29 0.73
C ASP A 112 4.82 7.34 1.00
N GLY A 113 4.10 7.16 2.11
CA GLY A 113 3.06 8.10 2.50
C GLY A 113 1.74 8.01 1.76
N THR A 114 1.54 6.94 1.00
CA THR A 114 0.30 6.77 0.24
C THR A 114 -0.63 5.71 0.82
N ALA A 115 -1.92 5.88 0.55
CA ALA A 115 -2.94 4.93 1.02
C ALA A 115 -3.86 4.64 -0.17
N THR A 116 -3.92 3.38 -0.58
CA THR A 116 -4.77 2.97 -1.70
C THR A 116 -5.51 1.67 -1.44
N ASN A 117 -5.28 1.07 -0.28
CA ASN A 117 -5.91 -0.19 0.09
C ASN A 117 -7.35 0.03 0.56
N PRO A 118 -8.34 -0.52 -0.15
CA PRO A 118 -9.74 -0.34 0.24
C PRO A 118 -10.11 -1.15 1.48
N VAL A 119 -11.09 -0.67 2.23
CA VAL A 119 -11.55 -1.37 3.43
C VAL A 119 -13.07 -1.41 3.46
N LEU A 120 -13.62 -2.47 4.05
CA LEU A 120 -15.06 -2.66 4.14
C LEU A 120 -15.64 -2.36 5.52
N ALA A 121 -16.80 -1.70 5.54
CA ALA A 121 -17.50 -1.40 6.79
C ALA A 121 -18.82 -2.19 6.65
N PRO A 122 -18.84 -3.45 7.12
CA PRO A 122 -20.02 -4.32 7.03
C PRO A 122 -21.33 -3.83 7.64
N ARG A 123 -21.24 -2.97 8.64
CA ARG A 123 -22.44 -2.48 9.30
C ARG A 123 -23.10 -1.32 8.57
N LEU A 124 -22.36 -0.69 7.65
CA LEU A 124 -22.89 0.41 6.85
C LEU A 124 -23.38 -0.22 5.56
N LYS A 125 -24.70 -0.16 5.35
CA LYS A 125 -25.31 -0.79 4.19
C LYS A 125 -25.65 0.08 2.99
N HIS A 126 -25.95 1.35 3.22
CA HIS A 126 -26.32 2.23 2.11
C HIS A 126 -25.56 3.53 2.06
N LEU A 127 -25.24 3.96 0.84
CA LEU A 127 -24.51 5.21 0.65
C LEU A 127 -25.14 6.40 1.34
N ASP A 128 -26.46 6.55 1.23
CA ASP A 128 -27.15 7.68 1.84
C ASP A 128 -26.86 7.83 3.33
N ASP A 129 -26.65 6.71 4.02
CA ASP A 129 -26.40 6.72 5.45
C ASP A 129 -25.19 7.56 5.87
N VAL A 130 -24.16 7.61 5.01
CA VAL A 130 -22.98 8.39 5.35
C VAL A 130 -23.03 9.85 4.89
N ARG A 131 -23.97 10.19 4.02
CA ARG A 131 -24.10 11.57 3.55
C ARG A 131 -24.51 12.44 4.73
N GLY A 132 -23.97 13.65 4.80
CA GLY A 132 -24.29 14.54 5.89
C GLY A 132 -23.38 14.37 7.09
N HIS A 133 -22.29 13.62 6.89
CA HIS A 133 -21.34 13.39 7.96
C HIS A 133 -19.93 13.65 7.44
N SER A 134 -18.94 13.30 8.24
CA SER A 134 -17.56 13.52 7.83
C SER A 134 -16.75 12.24 8.03
N ILE A 135 -15.62 12.15 7.33
CA ILE A 135 -14.76 11.00 7.48
C ILE A 135 -13.44 11.54 8.02
N MET A 136 -12.94 10.90 9.06
CA MET A 136 -11.73 11.36 9.72
C MET A 136 -10.58 10.37 9.70
N ILE A 137 -9.37 10.89 9.56
CA ILE A 137 -8.15 10.09 9.59
C ILE A 137 -7.35 10.69 10.75
N HIS A 138 -7.00 9.85 11.72
CA HIS A 138 -6.27 10.31 12.90
C HIS A 138 -4.78 10.13 12.79
N THR A 139 -4.05 10.79 13.69
CA THR A 139 -2.60 10.70 13.73
C THR A 139 -2.21 9.32 14.27
N GLY A 140 -2.96 8.88 15.27
CA GLY A 140 -2.70 7.57 15.87
C GLY A 140 -3.45 6.44 15.20
N GLY A 141 -3.27 5.23 15.73
CA GLY A 141 -3.92 4.06 15.15
C GLY A 141 -5.32 3.82 15.69
N ASP A 142 -5.69 2.55 15.78
CA ASP A 142 -7.02 2.17 16.26
C ASP A 142 -6.99 0.71 16.75
N ASN A 143 -7.06 0.52 18.06
CA ASN A 143 -7.07 -0.83 18.60
C ASN A 143 -8.52 -1.25 18.84
N HIS A 144 -9.44 -0.47 18.27
CA HIS A 144 -10.87 -0.73 18.35
C HIS A 144 -11.41 -0.97 19.75
N SER A 145 -10.96 -0.14 20.69
CA SER A 145 -11.38 -0.24 22.07
C SER A 145 -11.18 1.10 22.76
N ASP A 146 -11.84 1.29 23.90
CA ASP A 146 -11.71 2.53 24.65
C ASP A 146 -10.64 2.38 25.73
N HIS A 147 -9.88 1.29 25.65
CA HIS A 147 -8.80 1.02 26.59
C HIS A 147 -7.62 0.47 25.80
N PRO A 148 -6.38 0.84 26.17
CA PRO A 148 -5.99 1.75 27.25
C PRO A 148 -6.23 3.23 26.98
N ALA A 149 -6.56 3.55 25.74
CA ALA A 149 -6.80 4.94 25.35
C ALA A 149 -8.20 5.07 24.75
N PRO A 150 -8.88 6.20 25.02
CA PRO A 150 -10.21 6.38 24.47
C PRO A 150 -10.21 6.42 22.94
N LEU A 151 -11.33 5.99 22.36
CA LEU A 151 -11.51 5.99 20.92
C LEU A 151 -10.40 5.30 20.11
N GLY A 152 -9.95 4.15 20.62
CA GLY A 152 -8.93 3.37 19.94
C GLY A 152 -7.52 3.93 19.91
N GLY A 153 -7.32 5.06 20.58
CA GLY A 153 -6.00 5.67 20.60
C GLY A 153 -5.70 6.50 19.36
N GLY A 154 -6.76 6.86 18.62
CA GLY A 154 -6.56 7.66 17.42
C GLY A 154 -5.93 9.01 17.72
N GLY A 155 -6.28 9.58 18.86
CA GLY A 155 -5.72 10.87 19.22
C GLY A 155 -6.12 11.99 18.28
N PRO A 156 -5.21 12.93 17.99
CA PRO A 156 -5.43 14.08 17.10
C PRO A 156 -5.98 13.75 15.72
N ARG A 157 -6.67 14.71 15.13
CA ARG A 157 -7.27 14.56 13.82
C ARG A 157 -6.31 15.10 12.77
N MET A 158 -5.80 14.19 11.93
CA MET A 158 -4.82 14.50 10.89
C MET A 158 -5.40 14.95 9.56
N ALA A 159 -6.42 14.27 9.07
CA ALA A 159 -7.04 14.60 7.80
C ALA A 159 -8.55 14.39 7.89
N CYS A 160 -9.30 15.07 7.04
CA CYS A 160 -10.75 14.97 7.11
C CYS A 160 -11.44 15.39 5.82
N GLY A 161 -12.63 14.85 5.60
CA GLY A 161 -13.39 15.19 4.41
C GLY A 161 -14.87 15.17 4.74
N VAL A 162 -15.62 16.11 4.18
CA VAL A 162 -17.07 16.17 4.41
C VAL A 162 -17.75 15.29 3.37
N ILE A 163 -18.64 14.42 3.83
CA ILE A 163 -19.34 13.52 2.92
C ILE A 163 -20.60 14.18 2.37
N LYS A 164 -20.54 14.51 1.08
CA LYS A 164 -21.67 15.15 0.40
C LYS A 164 -22.61 14.05 -0.11
N ALA B 10 -14.04 -20.22 20.88
CA ALA B 10 -14.45 -20.27 19.46
C ALA B 10 -13.40 -19.62 18.56
N SER B 11 -12.27 -20.29 18.38
CA SER B 11 -11.22 -19.74 17.54
C SER B 11 -10.27 -20.82 17.03
N ILE B 12 -9.49 -20.45 16.02
CA ILE B 12 -8.50 -21.36 15.45
C ILE B 12 -7.21 -20.57 15.44
N GLU B 13 -6.17 -21.11 16.07
CA GLU B 13 -4.88 -20.45 16.10
C GLU B 13 -4.02 -21.14 15.06
N VAL B 14 -3.63 -20.40 14.02
CA VAL B 14 -2.81 -20.95 12.96
C VAL B 14 -1.35 -20.56 13.11
N LYS B 15 -0.47 -21.55 13.16
CA LYS B 15 0.96 -21.29 13.26
C LYS B 15 1.46 -20.96 11.85
N VAL B 16 2.05 -19.79 11.70
CA VAL B 16 2.55 -19.35 10.39
C VAL B 16 4.06 -19.39 10.34
N GLN B 17 4.60 -19.81 9.20
CA GLN B 17 6.05 -19.87 9.03
C GLN B 17 6.49 -19.26 7.71
N GLN B 18 7.68 -18.65 7.72
CA GLN B 18 8.23 -18.10 6.49
C GLN B 18 8.71 -19.35 5.75
N LEU B 19 8.42 -19.42 4.46
CA LEU B 19 8.80 -20.59 3.67
C LEU B 19 10.23 -20.50 3.13
N ASP B 20 11.02 -21.54 3.41
CA ASP B 20 12.41 -21.62 2.95
C ASP B 20 12.69 -23.08 2.64
N PRO B 21 12.48 -23.50 1.37
CA PRO B 21 12.71 -24.87 0.94
C PRO B 21 14.18 -25.29 1.04
N VAL B 22 15.07 -24.32 1.07
CA VAL B 22 16.50 -24.62 1.16
C VAL B 22 17.00 -24.90 2.57
N ASN B 23 16.77 -23.97 3.49
CA ASN B 23 17.27 -24.15 4.85
C ASN B 23 16.22 -24.38 5.94
N GLY B 24 14.97 -24.61 5.54
CA GLY B 24 13.92 -24.86 6.51
C GLY B 24 13.02 -23.68 6.84
N ASN B 25 11.73 -23.96 7.01
CA ASN B 25 10.77 -22.92 7.31
C ASN B 25 11.03 -22.32 8.69
N LYS B 26 10.72 -21.03 8.84
CA LYS B 26 10.94 -20.33 10.10
C LYS B 26 9.66 -19.74 10.66
N ASP B 27 9.48 -19.89 11.98
CA ASP B 27 8.29 -19.36 12.63
C ASP B 27 8.28 -17.84 12.56
N VAL B 28 7.12 -17.25 12.25
CA VAL B 28 6.99 -15.80 12.17
C VAL B 28 5.79 -15.33 13.00
N GLY B 29 5.13 -16.28 13.66
CA GLY B 29 4.00 -15.93 14.48
C GLY B 29 2.74 -16.73 14.23
N THR B 30 1.60 -16.12 14.51
CA THR B 30 0.32 -16.80 14.34
C THR B 30 -0.74 -15.90 13.71
N VAL B 31 -1.84 -16.54 13.33
CA VAL B 31 -3.00 -15.85 12.79
C VAL B 31 -4.16 -16.54 13.49
N THR B 32 -4.96 -15.78 14.22
CA THR B 32 -6.09 -16.36 14.93
C THR B 32 -7.37 -16.03 14.20
N ILE B 33 -8.19 -17.05 13.97
CA ILE B 33 -9.46 -16.89 13.26
C ILE B 33 -10.62 -17.03 14.23
N THR B 34 -11.48 -16.04 14.23
CA THR B 34 -12.66 -16.02 15.10
C THR B 34 -13.88 -15.68 14.25
N GLU B 35 -15.06 -15.89 14.81
CA GLU B 35 -16.30 -15.58 14.09
C GLU B 35 -16.91 -14.29 14.60
N SER B 36 -17.48 -13.50 13.68
CA SER B 36 -18.14 -12.26 14.05
C SER B 36 -19.51 -12.35 13.38
N ASN B 37 -20.41 -11.43 13.70
CA ASN B 37 -21.74 -11.46 13.10
C ASN B 37 -21.69 -11.04 11.62
N TYR B 38 -20.50 -10.72 11.13
CA TYR B 38 -20.34 -10.30 9.74
C TYR B 38 -19.33 -11.13 8.97
N GLY B 39 -18.87 -12.21 9.57
CA GLY B 39 -17.91 -13.07 8.89
C GLY B 39 -16.71 -13.41 9.75
N LEU B 40 -15.81 -14.21 9.19
CA LEU B 40 -14.62 -14.63 9.92
C LEU B 40 -13.60 -13.51 10.00
N VAL B 41 -13.00 -13.37 11.18
CA VAL B 41 -12.00 -12.34 11.42
C VAL B 41 -10.64 -12.99 11.57
N PHE B 42 -9.65 -12.46 10.85
CA PHE B 42 -8.30 -12.97 10.90
C PHE B 42 -7.42 -11.96 11.63
N THR B 43 -6.95 -12.36 12.80
CA THR B 43 -6.10 -11.48 13.61
C THR B 43 -4.68 -11.97 13.63
N PRO B 44 -3.78 -11.25 12.93
CA PRO B 44 -2.38 -11.66 12.89
C PRO B 44 -1.56 -11.19 14.08
N ASP B 45 -0.46 -11.88 14.30
CA ASP B 45 0.52 -11.56 15.35
C ASP B 45 1.80 -12.11 14.76
N LEU B 46 2.30 -11.41 13.75
CA LEU B 46 3.50 -11.82 13.03
C LEU B 46 4.64 -10.82 13.15
N GLN B 47 5.86 -11.29 12.84
CA GLN B 47 7.06 -10.45 12.89
C GLN B 47 8.12 -10.97 11.93
N GLY B 48 9.05 -10.09 11.57
CA GLY B 48 10.14 -10.47 10.66
C GLY B 48 9.81 -10.37 9.17
N LEU B 49 8.65 -9.82 8.85
CA LEU B 49 8.25 -9.70 7.44
C LEU B 49 8.62 -8.33 6.85
N SER B 50 8.66 -8.26 5.51
CA SER B 50 8.98 -7.01 4.85
C SER B 50 7.78 -6.09 5.01
N GLU B 51 8.04 -4.80 5.19
CA GLU B 51 6.96 -3.83 5.37
C GLU B 51 6.13 -3.72 4.10
N GLY B 52 4.88 -3.29 4.28
CA GLY B 52 3.99 -3.12 3.13
C GLY B 52 2.73 -3.96 3.19
N LEU B 53 1.97 -3.93 2.11
CA LEU B 53 0.73 -4.69 1.99
C LEU B 53 1.09 -6.01 1.33
N HIS B 54 0.57 -7.10 1.86
CA HIS B 54 0.87 -8.42 1.33
C HIS B 54 -0.38 -9.21 0.98
N GLY B 55 -0.36 -9.85 -0.19
CA GLY B 55 -1.47 -10.68 -0.60
C GLY B 55 -1.70 -11.68 0.51
N PHE B 56 -2.96 -11.93 0.83
CA PHE B 56 -3.34 -12.81 1.93
C PHE B 56 -4.56 -13.62 1.47
N HIS B 57 -4.37 -14.91 1.21
CA HIS B 57 -5.50 -15.73 0.76
C HIS B 57 -5.52 -17.12 1.37
N ILE B 58 -6.70 -17.74 1.33
CA ILE B 58 -6.86 -19.11 1.80
C ILE B 58 -6.62 -19.95 0.56
N HIS B 59 -5.73 -20.92 0.66
CA HIS B 59 -5.45 -21.79 -0.47
C HIS B 59 -6.12 -23.14 -0.29
N GLU B 60 -6.33 -23.85 -1.40
CA GLU B 60 -7.03 -25.12 -1.38
C GLU B 60 -6.51 -26.28 -0.53
N ASN B 61 -5.20 -26.56 -0.58
CA ASN B 61 -4.68 -27.69 0.19
C ASN B 61 -4.13 -27.33 1.57
N PRO B 62 -4.30 -28.25 2.54
CA PRO B 62 -3.82 -28.04 3.91
C PRO B 62 -2.34 -28.40 4.01
N SER B 63 -1.52 -27.74 3.21
CA SER B 63 -0.09 -27.98 3.21
C SER B 63 0.65 -26.72 2.80
N CYS B 64 1.82 -26.50 3.40
CA CYS B 64 2.63 -25.34 3.10
C CYS B 64 3.96 -25.79 2.52
N GLU B 65 4.08 -27.07 2.23
CA GLU B 65 5.32 -27.61 1.68
C GLU B 65 5.51 -27.24 0.22
N PRO B 66 6.75 -27.30 -0.26
CA PRO B 66 7.05 -26.95 -1.65
C PRO B 66 6.77 -28.10 -2.61
N LYS B 67 6.78 -27.77 -3.90
CA LYS B 67 6.58 -28.76 -4.94
C LYS B 67 7.50 -28.44 -6.09
N GLU B 68 7.93 -29.48 -6.80
CA GLU B 68 8.80 -29.31 -7.95
C GLU B 68 8.01 -28.81 -9.13
N GLN B 69 8.49 -27.73 -9.73
CA GLN B 69 7.84 -27.15 -10.89
C GLN B 69 8.93 -26.68 -11.84
N GLU B 70 8.98 -27.32 -13.01
CA GLU B 70 9.99 -26.97 -14.01
C GLU B 70 11.38 -27.16 -13.43
N GLY B 71 11.54 -28.21 -12.62
CA GLY B 71 12.83 -28.51 -12.01
C GLY B 71 13.22 -27.64 -10.83
N LYS B 72 12.32 -26.76 -10.42
CA LYS B 72 12.57 -25.85 -9.30
C LYS B 72 11.69 -26.19 -8.09
N LEU B 73 12.31 -26.39 -6.93
CA LEU B 73 11.56 -26.69 -5.71
C LEU B 73 10.98 -25.35 -5.27
N THR B 74 9.72 -25.12 -5.62
CA THR B 74 9.04 -23.87 -5.35
C THR B 74 8.26 -23.79 -4.05
N ALA B 75 8.61 -22.77 -3.26
CA ALA B 75 7.99 -22.52 -1.96
C ALA B 75 6.46 -22.46 -1.98
N GLY B 76 5.86 -23.18 -1.05
CA GLY B 76 4.41 -23.21 -0.89
C GLY B 76 3.52 -23.74 -1.99
N LEU B 77 4.07 -24.33 -3.05
CA LEU B 77 3.21 -24.84 -4.12
C LEU B 77 2.31 -25.99 -3.67
N GLY B 78 2.70 -26.66 -2.58
CA GLY B 78 1.89 -27.76 -2.07
C GLY B 78 0.51 -27.32 -1.62
N ALA B 79 0.34 -26.03 -1.37
CA ALA B 79 -0.96 -25.50 -0.93
C ALA B 79 -1.94 -25.37 -2.08
N GLY B 80 -1.45 -25.50 -3.31
CA GLY B 80 -2.32 -25.37 -4.46
C GLY B 80 -2.68 -23.92 -4.73
N GLY B 81 -3.75 -23.71 -5.49
CA GLY B 81 -4.17 -22.36 -5.81
C GLY B 81 -5.12 -21.77 -4.80
N HIS B 82 -5.70 -20.61 -5.12
CA HIS B 82 -6.64 -19.97 -4.22
C HIS B 82 -7.85 -20.86 -4.02
N TRP B 83 -8.30 -21.00 -2.78
CA TRP B 83 -9.48 -21.81 -2.47
C TRP B 83 -10.66 -21.26 -3.27
N ASP B 84 -11.26 -22.10 -4.10
CA ASP B 84 -12.36 -21.66 -4.97
C ASP B 84 -13.46 -22.72 -5.06
N PRO B 85 -14.12 -23.03 -3.93
CA PRO B 85 -15.20 -24.03 -3.86
C PRO B 85 -16.42 -23.77 -4.73
N LYS B 86 -16.62 -22.52 -5.14
CA LYS B 86 -17.77 -22.19 -5.99
C LYS B 86 -17.38 -22.02 -7.44
N GLY B 87 -16.12 -22.31 -7.75
CA GLY B 87 -15.64 -22.20 -9.12
C GLY B 87 -15.83 -20.84 -9.76
N ALA B 88 -15.40 -19.79 -9.06
CA ALA B 88 -15.51 -18.43 -9.61
C ALA B 88 -14.50 -18.31 -10.74
N LYS B 89 -13.38 -19.01 -10.58
CA LYS B 89 -12.31 -19.02 -11.58
C LYS B 89 -11.70 -17.66 -11.86
N GLN B 90 -11.76 -16.77 -10.87
CA GLN B 90 -11.18 -15.44 -11.01
C GLN B 90 -10.89 -14.83 -9.64
N HIS B 91 -9.81 -14.07 -9.58
CA HIS B 91 -9.39 -13.43 -8.34
C HIS B 91 -10.10 -12.08 -8.17
N GLY B 92 -10.54 -11.78 -6.96
CA GLY B 92 -11.23 -10.52 -6.74
C GLY B 92 -11.18 -9.98 -5.33
N TYR B 93 -12.17 -9.17 -4.99
CA TYR B 93 -12.26 -8.56 -3.65
C TYR B 93 -12.85 -9.52 -2.64
N PRO B 94 -12.63 -9.26 -1.34
CA PRO B 94 -13.16 -10.10 -0.27
C PRO B 94 -14.68 -9.99 -0.23
N TRP B 95 -15.19 -8.87 -0.73
CA TRP B 95 -16.63 -8.61 -0.75
C TRP B 95 -17.26 -8.81 -2.13
N GLN B 96 -16.54 -9.50 -3.00
CA GLN B 96 -17.01 -9.79 -4.36
C GLN B 96 -17.48 -11.24 -4.43
N ASP B 97 -18.76 -11.44 -4.72
CA ASP B 97 -19.31 -12.79 -4.77
C ASP B 97 -18.80 -13.72 -5.87
N ASP B 98 -18.38 -13.17 -7.00
CA ASP B 98 -17.87 -14.05 -8.06
C ASP B 98 -16.34 -14.08 -8.09
N ALA B 99 -15.74 -14.09 -6.92
CA ALA B 99 -14.28 -14.14 -6.78
C ALA B 99 -13.97 -15.37 -5.94
N HIS B 100 -12.71 -15.81 -5.94
CA HIS B 100 -12.32 -16.96 -5.13
C HIS B 100 -12.81 -16.75 -3.70
N LEU B 101 -13.41 -17.77 -3.11
CA LEU B 101 -13.89 -17.64 -1.74
C LEU B 101 -12.71 -17.40 -0.79
N GLY B 102 -11.53 -17.86 -1.19
CA GLY B 102 -10.36 -17.69 -0.35
C GLY B 102 -9.70 -16.32 -0.41
N ASP B 103 -10.28 -15.38 -1.15
CA ASP B 103 -9.69 -14.05 -1.26
C ASP B 103 -9.96 -13.19 -0.02
N LEU B 104 -8.91 -12.95 0.76
CA LEU B 104 -9.04 -12.16 1.99
C LEU B 104 -8.47 -10.76 1.80
N PRO B 105 -8.74 -9.85 2.76
CA PRO B 105 -8.22 -8.49 2.66
C PRO B 105 -6.70 -8.59 2.77
N ALA B 106 -5.98 -7.65 2.16
CA ALA B 106 -4.52 -7.66 2.22
C ALA B 106 -4.03 -7.44 3.64
N LEU B 107 -2.90 -8.06 3.97
CA LEU B 107 -2.29 -7.96 5.29
C LEU B 107 -1.36 -6.76 5.34
N THR B 108 -1.41 -6.01 6.44
CA THR B 108 -0.53 -4.85 6.59
C THR B 108 0.64 -5.18 7.49
N VAL B 109 1.86 -5.05 6.97
CA VAL B 109 3.06 -5.28 7.76
C VAL B 109 3.69 -3.91 7.97
N LEU B 110 3.84 -3.52 9.23
CA LEU B 110 4.41 -2.22 9.58
C LEU B 110 5.89 -2.12 9.32
N HIS B 111 6.42 -0.91 9.48
CA HIS B 111 7.83 -0.64 9.26
C HIS B 111 8.73 -1.57 10.06
N ASP B 112 8.31 -1.92 11.28
CA ASP B 112 9.12 -2.80 12.12
C ASP B 112 8.96 -4.29 11.81
N GLY B 113 8.29 -4.59 10.71
CA GLY B 113 8.11 -5.98 10.30
C GLY B 113 7.01 -6.77 10.98
N THR B 114 6.20 -6.10 11.78
CA THR B 114 5.12 -6.78 12.49
C THR B 114 3.76 -6.56 11.85
N ALA B 115 2.84 -7.48 12.12
CA ALA B 115 1.48 -7.38 11.61
C ALA B 115 0.54 -7.80 12.73
N THR B 116 -0.32 -6.88 13.16
CA THR B 116 -1.28 -7.17 14.23
C THR B 116 -2.68 -6.65 13.92
N ASN B 117 -2.86 -6.03 12.77
CA ASN B 117 -4.16 -5.48 12.37
C ASN B 117 -5.11 -6.57 11.86
N PRO B 118 -6.26 -6.76 12.53
CA PRO B 118 -7.22 -7.79 12.07
C PRO B 118 -7.98 -7.38 10.82
N VAL B 119 -8.41 -8.37 10.05
CA VAL B 119 -9.18 -8.11 8.83
C VAL B 119 -10.36 -9.08 8.76
N LEU B 120 -11.43 -8.63 8.11
CA LEU B 120 -12.65 -9.41 7.97
C LEU B 120 -12.88 -10.00 6.59
N ALA B 121 -13.36 -11.25 6.57
CA ALA B 121 -13.69 -11.95 5.33
C ALA B 121 -15.21 -12.15 5.43
N PRO B 122 -15.98 -11.19 4.90
CA PRO B 122 -17.45 -11.25 4.93
C PRO B 122 -18.14 -12.46 4.30
N ARG B 123 -17.49 -13.08 3.31
CA ARG B 123 -18.11 -14.23 2.65
C ARG B 123 -17.87 -15.55 3.38
N LEU B 124 -17.01 -15.52 4.39
CA LEU B 124 -16.71 -16.72 5.17
C LEU B 124 -17.53 -16.61 6.46
N LYS B 125 -18.40 -17.58 6.71
CA LYS B 125 -19.27 -17.54 7.87
C LYS B 125 -18.95 -18.40 9.09
N HIS B 126 -18.48 -19.63 8.87
CA HIS B 126 -18.18 -20.52 9.99
C HIS B 126 -16.72 -20.99 10.02
N LEU B 127 -16.20 -21.16 11.23
CA LEU B 127 -14.82 -21.61 11.42
C LEU B 127 -14.56 -22.93 10.71
N ASP B 128 -15.48 -23.88 10.84
CA ASP B 128 -15.31 -25.18 10.20
C ASP B 128 -15.19 -25.10 8.69
N ASP B 129 -15.71 -24.04 8.10
CA ASP B 129 -15.64 -23.89 6.65
C ASP B 129 -14.20 -23.76 6.14
N VAL B 130 -13.34 -23.13 6.93
CA VAL B 130 -11.95 -22.94 6.52
C VAL B 130 -11.00 -24.05 6.98
N ARG B 131 -11.47 -24.96 7.83
CA ARG B 131 -10.62 -26.06 8.30
C ARG B 131 -10.31 -26.97 7.11
N GLY B 132 -9.08 -27.45 7.03
CA GLY B 132 -8.70 -28.34 5.94
C GLY B 132 -8.10 -27.58 4.77
N HIS B 133 -7.66 -26.35 5.02
CA HIS B 133 -7.06 -25.53 3.98
C HIS B 133 -5.85 -24.84 4.56
N SER B 134 -5.27 -23.92 3.80
CA SER B 134 -4.09 -23.21 4.27
C SER B 134 -4.26 -21.72 4.06
N ILE B 135 -3.49 -20.94 4.81
CA ILE B 135 -3.56 -19.49 4.68
C ILE B 135 -2.17 -19.08 4.18
N MET B 136 -2.15 -18.27 3.11
CA MET B 136 -0.90 -17.85 2.48
C MET B 136 -0.66 -16.34 2.52
N ILE B 137 0.60 -15.97 2.73
CA ILE B 137 1.01 -14.57 2.73
C ILE B 137 2.03 -14.45 1.59
N HIS B 138 1.76 -13.54 0.66
CA HIS B 138 2.64 -13.37 -0.50
C HIS B 138 3.68 -12.28 -0.36
N THR B 139 4.70 -12.34 -1.19
CA THR B 139 5.75 -11.33 -1.15
C THR B 139 5.19 -10.03 -1.71
N GLY B 140 4.30 -10.13 -2.69
CA GLY B 140 3.69 -8.96 -3.30
C GLY B 140 2.36 -8.59 -2.65
N GLY B 141 1.73 -7.55 -3.18
CA GLY B 141 0.45 -7.10 -2.63
C GLY B 141 -0.76 -7.78 -3.24
N ASP B 142 -1.88 -7.06 -3.30
CA ASP B 142 -3.11 -7.62 -3.86
C ASP B 142 -4.03 -6.50 -4.33
N ASN B 143 -4.18 -6.33 -5.64
CA ASN B 143 -5.06 -5.29 -6.14
C ASN B 143 -6.44 -5.88 -6.40
N HIS B 144 -6.65 -7.10 -5.88
CA HIS B 144 -7.92 -7.82 -6.00
C HIS B 144 -8.46 -7.94 -7.43
N SER B 145 -7.56 -8.26 -8.35
CA SER B 145 -7.94 -8.42 -9.75
C SER B 145 -6.91 -9.30 -10.44
N ASP B 146 -7.26 -9.81 -11.62
CA ASP B 146 -6.32 -10.62 -12.38
C ASP B 146 -5.70 -9.71 -13.44
N HIS B 147 -6.03 -8.42 -13.33
CA HIS B 147 -5.51 -7.39 -14.22
C HIS B 147 -4.84 -6.32 -13.37
N PRO B 148 -3.61 -5.91 -13.74
CA PRO B 148 -2.82 -6.35 -14.89
C PRO B 148 -2.03 -7.64 -14.64
N ALA B 149 -1.94 -8.04 -13.38
CA ALA B 149 -1.20 -9.24 -13.03
C ALA B 149 -2.14 -10.29 -12.45
N PRO B 150 -1.89 -11.57 -12.72
CA PRO B 150 -2.75 -12.62 -12.19
C PRO B 150 -2.73 -12.72 -10.66
N LEU B 151 -3.87 -13.13 -10.11
CA LEU B 151 -4.01 -13.32 -8.67
C LEU B 151 -3.65 -12.09 -7.84
N GLY B 152 -4.02 -10.91 -8.35
CA GLY B 152 -3.77 -9.67 -7.63
C GLY B 152 -2.34 -9.16 -7.55
N GLY B 153 -1.41 -9.87 -8.20
CA GLY B 153 -0.02 -9.47 -8.18
C GLY B 153 0.73 -9.95 -6.94
N GLY B 154 0.16 -10.94 -6.26
CA GLY B 154 0.78 -11.47 -5.05
C GLY B 154 2.14 -12.11 -5.31
N GLY B 155 2.31 -12.72 -6.46
CA GLY B 155 3.57 -13.35 -6.78
C GLY B 155 3.92 -14.52 -5.88
N PRO B 156 5.23 -14.72 -5.60
CA PRO B 156 5.74 -15.81 -4.75
C PRO B 156 5.10 -15.90 -3.38
N ARG B 157 5.15 -17.09 -2.79
CA ARG B 157 4.58 -17.36 -1.48
C ARG B 157 5.67 -17.17 -0.41
N MET B 158 5.45 -16.18 0.46
CA MET B 158 6.41 -15.84 1.51
C MET B 158 6.20 -16.59 2.82
N ALA B 159 4.96 -16.67 3.28
CA ALA B 159 4.66 -17.37 4.54
C ALA B 159 3.36 -18.15 4.40
N CYS B 160 3.18 -19.15 5.26
CA CYS B 160 2.00 -19.98 5.17
C CYS B 160 1.73 -20.75 6.45
N GLY B 161 0.47 -21.11 6.64
CA GLY B 161 0.07 -21.87 7.81
C GLY B 161 -1.09 -22.79 7.45
N VAL B 162 -1.17 -23.95 8.10
CA VAL B 162 -2.23 -24.89 7.82
C VAL B 162 -3.37 -24.69 8.83
N ILE B 163 -4.60 -24.60 8.32
CA ILE B 163 -5.77 -24.38 9.16
C ILE B 163 -6.36 -25.71 9.64
N LYS B 164 -6.31 -25.94 10.94
CA LYS B 164 -6.83 -27.16 11.56
C LYS B 164 -7.94 -26.84 12.57
N ALA C 10 35.54 13.73 -15.60
CA ALA C 10 34.45 14.66 -15.19
C ALA C 10 33.46 13.95 -14.26
N SER C 11 32.59 14.72 -13.64
CA SER C 11 31.58 14.18 -12.72
C SER C 11 30.39 15.10 -12.53
N ILE C 12 29.21 14.51 -12.37
CA ILE C 12 28.01 15.31 -12.13
C ILE C 12 27.40 14.82 -10.83
N GLU C 13 27.30 15.70 -9.84
CA GLU C 13 26.71 15.31 -8.57
C GLU C 13 25.27 15.78 -8.59
N VAL C 14 24.35 14.83 -8.58
CA VAL C 14 22.94 15.15 -8.60
C VAL C 14 22.33 15.11 -7.21
N LYS C 15 21.74 16.23 -6.81
CA LYS C 15 21.09 16.34 -5.51
C LYS C 15 19.72 15.68 -5.67
N VAL C 16 19.46 14.63 -4.89
CA VAL C 16 18.19 13.92 -4.99
C VAL C 16 17.29 14.18 -3.78
N GLN C 17 16.01 14.42 -4.04
CA GLN C 17 15.06 14.67 -2.98
C GLN C 17 13.87 13.74 -3.02
N GLN C 18 13.34 13.42 -1.85
CA GLN C 18 12.16 12.60 -1.72
C GLN C 18 11.03 13.56 -2.08
N LEU C 19 10.16 13.15 -2.99
CA LEU C 19 9.05 14.01 -3.42
C LEU C 19 7.81 13.96 -2.53
N ASP C 20 7.37 15.13 -2.07
CA ASP C 20 6.18 15.24 -1.23
C ASP C 20 5.45 16.53 -1.60
N PRO C 21 4.51 16.45 -2.53
CA PRO C 21 3.73 17.62 -2.99
C PRO C 21 2.91 18.26 -1.86
N VAL C 22 2.71 17.52 -0.79
CA VAL C 22 1.93 18.02 0.34
C VAL C 22 2.76 18.74 1.41
N ASN C 23 3.70 18.02 2.02
CA ASN C 23 4.53 18.60 3.08
C ASN C 23 5.87 19.18 2.63
N GLY C 24 6.22 18.99 1.36
CA GLY C 24 7.47 19.52 0.86
C GLY C 24 8.54 18.45 0.67
N ASN C 25 9.36 18.60 -0.38
CA ASN C 25 10.41 17.62 -0.67
C ASN C 25 11.50 17.63 0.40
N LYS C 26 12.16 16.48 0.58
CA LYS C 26 13.22 16.35 1.57
C LYS C 26 14.47 15.70 0.96
N ASP C 27 15.64 16.24 1.27
CA ASP C 27 16.88 15.68 0.74
C ASP C 27 17.10 14.25 1.22
N VAL C 28 17.44 13.35 0.29
CA VAL C 28 17.68 11.95 0.64
C VAL C 28 19.09 11.52 0.23
N GLY C 29 19.86 12.47 -0.30
CA GLY C 29 21.21 12.16 -0.71
C GLY C 29 21.58 12.62 -2.10
N THR C 30 22.50 11.89 -2.72
CA THR C 30 22.98 12.24 -4.05
C THR C 30 23.21 11.04 -4.94
N VAL C 31 23.34 11.31 -6.22
CA VAL C 31 23.65 10.30 -7.22
C VAL C 31 24.74 10.94 -8.06
N THR C 32 25.93 10.37 -8.02
CA THR C 32 27.05 10.90 -8.78
C THR C 32 27.21 10.15 -10.09
N ILE C 33 27.27 10.91 -11.18
CA ILE C 33 27.42 10.34 -12.51
C ILE C 33 28.83 10.55 -13.04
N THR C 34 29.46 9.46 -13.47
CA THR C 34 30.80 9.53 -14.02
C THR C 34 30.85 8.73 -15.30
N GLU C 35 31.92 8.89 -16.07
CA GLU C 35 32.08 8.17 -17.33
C GLU C 35 33.07 7.04 -17.15
N SER C 36 32.79 5.90 -17.76
CA SER C 36 33.68 4.75 -17.70
C SER C 36 33.89 4.36 -19.16
N ASN C 37 34.82 3.45 -19.43
CA ASN C 37 35.08 3.02 -20.79
C ASN C 37 33.93 2.20 -21.36
N TYR C 38 32.89 1.95 -20.54
CA TYR C 38 31.75 1.16 -20.98
C TYR C 38 30.41 1.84 -20.81
N GLY C 39 30.43 3.13 -20.52
CA GLY C 39 29.19 3.86 -20.33
C GLY C 39 29.17 4.64 -19.04
N LEU C 40 28.08 5.38 -18.80
CA LEU C 40 27.94 6.18 -17.60
C LEU C 40 27.64 5.34 -16.38
N VAL C 41 28.31 5.68 -15.28
CA VAL C 41 28.11 4.98 -14.01
C VAL C 41 27.37 5.91 -13.06
N PHE C 42 26.31 5.39 -12.45
CA PHE C 42 25.52 6.15 -11.51
C PHE C 42 25.80 5.58 -10.12
N THR C 43 26.42 6.40 -9.27
CA THR C 43 26.77 5.98 -7.92
C THR C 43 25.90 6.69 -6.89
N PRO C 44 24.97 5.96 -6.27
CA PRO C 44 24.09 6.57 -5.26
C PRO C 44 24.70 6.65 -3.87
N ASP C 45 24.16 7.57 -3.07
CA ASP C 45 24.54 7.75 -1.68
C ASP C 45 23.23 8.30 -1.14
N LEU C 46 22.25 7.40 -1.05
CA LEU C 46 20.91 7.75 -0.60
C LEU C 46 20.53 7.06 0.70
N GLN C 47 19.52 7.62 1.37
CA GLN C 47 19.03 7.07 2.61
C GLN C 47 17.56 7.44 2.83
N GLY C 48 16.93 6.76 3.79
CA GLY C 48 15.54 7.01 4.11
C GLY C 48 14.54 6.44 3.12
N LEU C 49 15.00 5.55 2.24
CA LEU C 49 14.12 4.94 1.26
C LEU C 49 13.63 3.56 1.70
N SER C 50 12.54 3.11 1.10
CA SER C 50 12.00 1.80 1.44
C SER C 50 12.87 0.69 0.86
N GLU C 51 13.06 -0.35 1.66
CA GLU C 51 13.87 -1.50 1.28
C GLU C 51 13.38 -2.18 0.01
N GLY C 52 14.31 -2.61 -0.85
CA GLY C 52 13.93 -3.30 -2.06
C GLY C 52 14.54 -2.73 -3.33
N LEU C 53 14.12 -3.26 -4.47
CA LEU C 53 14.60 -2.79 -5.76
C LEU C 53 13.67 -1.68 -6.21
N HIS C 54 14.24 -0.60 -6.74
CA HIS C 54 13.41 0.51 -7.18
C HIS C 54 13.69 0.93 -8.62
N GLY C 55 12.63 1.24 -9.35
CA GLY C 55 12.76 1.69 -10.72
C GLY C 55 13.66 2.90 -10.71
N PHE C 56 14.58 2.97 -11.67
CA PHE C 56 15.57 4.05 -11.74
C PHE C 56 15.74 4.42 -13.20
N HIS C 57 15.23 5.59 -13.60
CA HIS C 57 15.36 6.01 -15.00
C HIS C 57 15.60 7.50 -15.18
N ILE C 58 16.11 7.84 -16.36
CA ILE C 58 16.34 9.24 -16.72
C ILE C 58 15.05 9.68 -17.40
N HIS C 59 14.46 10.78 -16.93
CA HIS C 59 13.24 11.27 -17.54
C HIS C 59 13.55 12.49 -18.41
N GLU C 60 12.69 12.76 -19.37
CA GLU C 60 12.92 13.83 -20.32
C GLU C 60 13.13 15.28 -19.82
N ASN C 61 12.30 15.74 -18.89
CA ASN C 61 12.43 17.12 -18.44
C ASN C 61 13.29 17.34 -17.21
N PRO C 62 14.05 18.46 -17.19
CA PRO C 62 14.92 18.79 -16.07
C PRO C 62 14.10 19.44 -14.94
N SER C 63 13.15 18.68 -14.41
CA SER C 63 12.29 19.16 -13.34
C SER C 63 11.74 18.01 -12.53
N CYS C 64 11.65 18.21 -11.22
CA CYS C 64 11.13 17.19 -10.33
C CYS C 64 9.84 17.65 -9.66
N GLU C 65 9.33 18.79 -10.12
CA GLU C 65 8.10 19.35 -9.57
C GLU C 65 6.87 18.55 -9.99
N PRO C 66 5.79 18.66 -9.20
CA PRO C 66 4.57 17.93 -9.53
C PRO C 66 3.71 18.60 -10.58
N LYS C 67 2.72 17.86 -11.07
CA LYS C 67 1.78 18.36 -12.07
C LYS C 67 0.41 17.77 -11.78
N GLU C 68 -0.62 18.58 -11.97
CA GLU C 68 -2.00 18.15 -11.74
C GLU C 68 -2.38 17.07 -12.76
N GLN C 69 -2.86 15.95 -12.27
CA GLN C 69 -3.27 14.85 -13.13
C GLN C 69 -4.57 14.27 -12.58
N GLU C 70 -5.65 14.44 -13.33
CA GLU C 70 -6.95 13.97 -12.90
C GLU C 70 -7.32 14.62 -11.58
N GLY C 71 -7.03 15.91 -11.47
CA GLY C 71 -7.35 16.65 -10.25
C GLY C 71 -6.36 16.53 -9.09
N LYS C 72 -5.48 15.53 -9.13
CA LYS C 72 -4.52 15.35 -8.05
C LYS C 72 -3.13 15.88 -8.41
N LEU C 73 -2.50 16.55 -7.44
CA LEU C 73 -1.16 17.07 -7.65
C LEU C 73 -0.25 15.85 -7.53
N THR C 74 0.18 15.33 -8.68
CA THR C 74 1.01 14.13 -8.73
C THR C 74 2.52 14.37 -8.70
N ALA C 75 3.18 13.77 -7.72
CA ALA C 75 4.62 13.90 -7.54
C ALA C 75 5.45 13.58 -8.78
N GLY C 76 6.44 14.43 -9.04
CA GLY C 76 7.36 14.26 -10.15
C GLY C 76 6.83 14.25 -11.58
N LEU C 77 5.57 14.59 -11.78
CA LEU C 77 5.04 14.56 -13.15
C LEU C 77 5.67 15.60 -14.08
N GLY C 78 6.26 16.64 -13.49
CA GLY C 78 6.90 17.67 -14.30
C GLY C 78 8.13 17.15 -15.03
N ALA C 79 8.61 15.97 -14.65
CA ALA C 79 9.79 15.40 -15.29
C ALA C 79 9.44 14.74 -16.62
N GLY C 80 8.16 14.55 -16.88
CA GLY C 80 7.75 13.93 -18.14
C GLY C 80 7.93 12.42 -18.10
N GLY C 81 7.93 11.80 -19.28
CA GLY C 81 8.09 10.36 -19.35
C GLY C 81 9.55 9.94 -19.41
N HIS C 82 9.78 8.66 -19.67
CA HIS C 82 11.14 8.15 -19.76
C HIS C 82 11.84 8.78 -20.97
N TRP C 83 13.07 9.24 -20.76
CA TRP C 83 13.85 9.86 -21.82
C TRP C 83 13.94 8.86 -22.97
N ASP C 84 13.46 9.27 -24.13
CA ASP C 84 13.44 8.37 -25.28
C ASP C 84 13.70 9.13 -26.59
N PRO C 85 14.92 9.69 -26.73
CA PRO C 85 15.25 10.43 -27.94
C PRO C 85 15.29 9.61 -29.23
N LYS C 86 15.53 8.31 -29.11
CA LYS C 86 15.57 7.46 -30.31
C LYS C 86 14.21 6.90 -30.72
N GLY C 87 13.19 7.23 -29.95
CA GLY C 87 11.84 6.77 -30.27
C GLY C 87 11.56 5.29 -30.12
N ALA C 88 12.14 4.65 -29.11
CA ALA C 88 11.91 3.22 -28.89
C ALA C 88 10.44 3.00 -28.53
N LYS C 89 9.88 3.95 -27.78
CA LYS C 89 8.48 3.90 -27.36
C LYS C 89 8.15 2.58 -26.68
N GLN C 90 9.10 2.08 -25.92
CA GLN C 90 8.92 0.82 -25.20
C GLN C 90 9.91 0.82 -24.06
N HIS C 91 9.49 0.30 -22.90
CA HIS C 91 10.36 0.22 -21.73
C HIS C 91 11.09 -1.11 -21.77
N GLY C 92 12.39 -1.11 -21.47
CA GLY C 92 13.14 -2.34 -21.51
C GLY C 92 14.37 -2.38 -20.62
N TYR C 93 15.35 -3.18 -21.02
CA TYR C 93 16.60 -3.34 -20.28
C TYR C 93 17.61 -2.25 -20.61
N PRO C 94 18.54 -1.98 -19.68
CA PRO C 94 19.57 -0.96 -19.88
C PRO C 94 20.48 -1.33 -21.06
N TRP C 95 20.53 -2.61 -21.38
CA TRP C 95 21.36 -3.13 -22.46
C TRP C 95 20.57 -3.52 -23.71
N GLN C 96 19.34 -3.02 -23.79
CA GLN C 96 18.45 -3.30 -24.91
C GLN C 96 18.37 -2.06 -25.79
N ASP C 97 18.79 -2.18 -27.05
CA ASP C 97 18.76 -1.03 -27.95
C ASP C 97 17.39 -0.47 -28.30
N ASP C 98 16.37 -1.32 -28.30
CA ASP C 98 15.03 -0.82 -28.61
C ASP C 98 14.20 -0.58 -27.36
N ALA C 99 14.85 0.02 -26.36
CA ALA C 99 14.22 0.38 -25.09
C ALA C 99 14.55 1.85 -24.88
N HIS C 100 13.77 2.53 -24.04
CA HIS C 100 14.02 3.94 -23.75
C HIS C 100 15.48 4.13 -23.39
N LEU C 101 16.13 5.15 -23.95
CA LEU C 101 17.53 5.39 -23.65
C LEU C 101 17.72 5.69 -22.16
N GLY C 102 16.66 6.18 -21.51
CA GLY C 102 16.74 6.51 -20.11
C GLY C 102 16.57 5.34 -19.15
N ASP C 103 16.42 4.12 -19.67
CA ASP C 103 16.25 2.96 -18.81
C ASP C 103 17.55 2.50 -18.16
N LEU C 104 17.66 2.74 -16.86
CA LEU C 104 18.86 2.38 -16.10
C LEU C 104 18.62 1.11 -15.28
N PRO C 105 19.69 0.52 -14.74
CA PRO C 105 19.53 -0.70 -13.93
C PRO C 105 18.77 -0.30 -12.67
N ALA C 106 18.03 -1.23 -12.08
CA ALA C 106 17.27 -0.93 -10.87
C ALA C 106 18.21 -0.56 -9.72
N LEU C 107 17.72 0.30 -8.84
CA LEU C 107 18.49 0.76 -7.68
C LEU C 107 18.21 -0.17 -6.51
N THR C 108 19.26 -0.58 -5.80
CA THR C 108 19.07 -1.47 -4.65
C THR C 108 19.10 -0.70 -3.34
N VAL C 109 18.01 -0.79 -2.57
CA VAL C 109 17.94 -0.16 -1.27
C VAL C 109 17.95 -1.27 -0.23
N LEU C 110 18.94 -1.22 0.66
CA LEU C 110 19.09 -2.24 1.69
C LEU C 110 18.06 -2.11 2.81
N HIS C 111 18.04 -3.10 3.69
CA HIS C 111 17.12 -3.14 4.81
C HIS C 111 17.16 -1.85 5.62
N ASP C 112 18.36 -1.26 5.76
CA ASP C 112 18.53 -0.03 6.52
C ASP C 112 18.08 1.23 5.78
N GLY C 113 17.50 1.04 4.60
CA GLY C 113 17.01 2.17 3.82
C GLY C 113 18.04 2.96 3.03
N THR C 114 19.26 2.44 2.95
CA THR C 114 20.32 3.13 2.21
C THR C 114 20.60 2.50 0.86
N ALA C 115 21.16 3.29 -0.06
CA ALA C 115 21.51 2.83 -1.40
C ALA C 115 22.87 3.40 -1.76
N THR C 116 23.85 2.52 -1.98
CA THR C 116 25.21 2.93 -2.32
C THR C 116 25.84 2.09 -3.42
N ASN C 117 25.09 1.13 -3.97
CA ASN C 117 25.60 0.25 -5.03
C ASN C 117 25.52 0.93 -6.40
N PRO C 118 26.68 1.18 -7.03
CA PRO C 118 26.69 1.82 -8.36
C PRO C 118 26.16 0.92 -9.46
N VAL C 119 25.66 1.54 -10.52
CA VAL C 119 25.12 0.79 -11.66
C VAL C 119 25.58 1.42 -12.97
N LEU C 120 25.66 0.61 -14.02
CA LEU C 120 26.12 1.09 -15.33
C LEU C 120 25.02 1.18 -16.39
N ALA C 121 25.07 2.25 -17.18
CA ALA C 121 24.14 2.46 -18.28
C ALA C 121 25.03 2.39 -19.52
N PRO C 122 25.23 1.17 -20.07
CA PRO C 122 26.07 0.98 -21.25
C PRO C 122 25.72 1.78 -22.50
N ARG C 123 24.45 2.15 -22.66
CA ARG C 123 24.04 2.90 -23.84
C ARG C 123 24.27 4.41 -23.76
N LEU C 124 24.72 4.89 -22.60
CA LEU C 124 25.00 6.31 -22.40
C LEU C 124 26.52 6.44 -22.35
N LYS C 125 27.10 7.26 -23.22
CA LYS C 125 28.56 7.39 -23.27
C LYS C 125 29.19 8.66 -22.72
N HIS C 126 28.51 9.80 -22.81
CA HIS C 126 29.09 11.04 -22.32
C HIS C 126 28.20 11.77 -21.30
N LEU C 127 28.84 12.47 -20.37
CA LEU C 127 28.10 13.22 -19.36
C LEU C 127 27.14 14.24 -19.96
N ASP C 128 27.57 14.93 -21.02
CA ASP C 128 26.71 15.93 -21.65
C ASP C 128 25.41 15.33 -22.17
N ASP C 129 25.41 14.03 -22.44
CA ASP C 129 24.21 13.36 -22.93
C ASP C 129 23.05 13.45 -21.96
N VAL C 130 23.32 13.32 -20.66
CA VAL C 130 22.27 13.37 -19.65
C VAL C 130 21.97 14.74 -19.04
N ARG C 131 22.79 15.74 -19.33
CA ARG C 131 22.54 17.08 -18.80
C ARG C 131 21.24 17.59 -19.42
N GLY C 132 20.43 18.29 -18.62
CA GLY C 132 19.18 18.82 -19.15
C GLY C 132 18.03 17.85 -18.98
N HIS C 133 18.22 16.82 -18.16
CA HIS C 133 17.18 15.84 -17.91
C HIS C 133 17.06 15.61 -16.41
N SER C 134 16.29 14.62 -16.00
CA SER C 134 16.12 14.34 -14.58
C SER C 134 16.33 12.86 -14.33
N ILE C 135 16.67 12.51 -13.09
CA ILE C 135 16.86 11.11 -12.72
C ILE C 135 15.75 10.82 -11.71
N MET C 136 15.01 9.75 -11.95
CA MET C 136 13.87 9.38 -11.12
C MET C 136 13.99 8.04 -10.42
N ILE C 137 13.53 7.99 -9.17
CA ILE C 137 13.54 6.75 -8.41
C ILE C 137 12.06 6.51 -8.07
N HIS C 138 11.57 5.32 -8.43
CA HIS C 138 10.18 4.96 -8.22
C HIS C 138 9.93 4.17 -6.95
N THR C 139 8.67 4.10 -6.54
CA THR C 139 8.32 3.35 -5.35
C THR C 139 8.37 1.86 -5.66
N GLY C 140 7.99 1.50 -6.89
CA GLY C 140 8.01 0.11 -7.29
C GLY C 140 9.37 -0.29 -7.86
N GLY C 141 9.49 -1.54 -8.29
CA GLY C 141 10.75 -2.02 -8.85
C GLY C 141 10.81 -1.80 -10.35
N ASP C 142 11.50 -2.68 -11.06
CA ASP C 142 11.62 -2.55 -12.51
C ASP C 142 11.92 -3.92 -13.13
N ASN C 143 10.94 -4.50 -13.82
CA ASN C 143 11.17 -5.80 -14.45
C ASN C 143 11.58 -5.61 -15.92
N HIS C 144 11.93 -4.36 -16.26
CA HIS C 144 12.40 -3.99 -17.59
C HIS C 144 11.49 -4.45 -18.73
N SER C 145 10.18 -4.27 -18.52
CA SER C 145 9.18 -4.65 -19.51
C SER C 145 7.93 -3.83 -19.27
N ASP C 146 7.06 -3.78 -20.27
CA ASP C 146 5.79 -3.06 -20.13
C ASP C 146 4.71 -4.09 -19.77
N HIS C 147 5.15 -5.31 -19.51
CA HIS C 147 4.26 -6.40 -19.12
C HIS C 147 4.76 -6.97 -17.80
N PRO C 148 3.85 -7.18 -16.82
CA PRO C 148 2.41 -6.90 -16.87
C PRO C 148 2.03 -5.45 -16.58
N ALA C 149 2.92 -4.71 -15.94
CA ALA C 149 2.65 -3.32 -15.61
C ALA C 149 3.48 -2.39 -16.49
N PRO C 150 2.94 -1.21 -16.81
CA PRO C 150 3.70 -0.30 -17.66
C PRO C 150 4.97 0.21 -17.01
N LEU C 151 5.95 0.52 -17.84
CA LEU C 151 7.21 1.07 -17.39
C LEU C 151 7.91 0.27 -16.29
N GLY C 152 7.91 -1.06 -16.44
CA GLY C 152 8.59 -1.91 -15.48
C GLY C 152 7.92 -2.09 -14.13
N GLY C 153 6.76 -1.46 -13.94
CA GLY C 153 6.07 -1.57 -12.68
C GLY C 153 6.58 -0.60 -11.63
N GLY C 154 7.28 0.43 -12.07
CA GLY C 154 7.82 1.41 -11.15
C GLY C 154 6.73 2.16 -10.39
N GLY C 155 5.61 2.39 -11.06
CA GLY C 155 4.52 3.11 -10.42
C GLY C 155 4.88 4.54 -10.04
N PRO C 156 4.36 5.04 -8.91
CA PRO C 156 4.61 6.40 -8.42
C PRO C 156 6.07 6.82 -8.33
N ARG C 157 6.31 8.12 -8.50
CA ARG C 157 7.63 8.71 -8.44
C ARG C 157 7.95 9.10 -7.00
N MET C 158 8.90 8.38 -6.41
CA MET C 158 9.31 8.58 -5.02
C MET C 158 10.39 9.62 -4.76
N ALA C 159 11.42 9.63 -5.60
CA ALA C 159 12.51 10.58 -5.46
C ALA C 159 13.00 11.04 -6.82
N CYS C 160 13.64 12.20 -6.86
CA CYS C 160 14.09 12.73 -8.13
C CYS C 160 15.15 13.81 -7.99
N GLY C 161 15.95 13.98 -9.04
CA GLY C 161 16.98 14.99 -9.05
C GLY C 161 17.15 15.52 -10.45
N VAL C 162 17.50 16.80 -10.56
CA VAL C 162 17.71 17.42 -11.86
C VAL C 162 19.19 17.32 -12.22
N ILE C 163 19.47 16.84 -13.43
CA ILE C 163 20.83 16.70 -13.90
C ILE C 163 21.26 17.96 -14.66
N LYS C 164 22.24 18.68 -14.13
CA LYS C 164 22.70 19.89 -14.81
C LYS C 164 24.02 19.61 -15.53
CU CU1 D . -12.30 9.53 14.29
CU CU E . 8.67 2.15 6.42
ZN ZN F . -15.72 4.88 17.50
CU CU1 G . -2.44 -16.69 -2.10
ZN ZN H . -7.98 -15.29 -5.40
CU CU1 I . 11.11 6.61 -14.19
CU CU J . 14.90 -6.63 5.03
ZN ZN K . 11.68 3.16 -19.78
#